data_8H8H
#
_entry.id   8H8H
#
_cell.length_a   45.692
_cell.length_b   63.303
_cell.length_c   275.872
_cell.angle_alpha   90.00
_cell.angle_beta   90.00
_cell.angle_gamma   90.00
#
_symmetry.space_group_name_H-M   'P 21 21 21'
#
loop_
_entity.id
_entity.type
_entity.pdbx_description
1 polymer 'H-NS family protein MvaT'
2 water water
#
_entity_poly.entity_id   1
_entity_poly.type   'polypeptide(L)'
_entity_poly.pdbx_seq_one_letter_code
;MSRLAEFRAAEKALQEQMAQLEALKKDAGLKREIEFEQKLVGLMKSYDKSLEHHHHHH
;
_entity_poly.pdbx_strand_id   A,B,C,D,E,F,G,H
#
# COMPACT_ATOMS: atom_id res chain seq x y z
N SER A 2 -14.60 37.66 29.22
CA SER A 2 -14.47 37.07 30.55
C SER A 2 -13.99 35.65 30.40
N ARG A 3 -13.56 35.00 31.50
CA ARG A 3 -13.18 33.60 31.39
C ARG A 3 -14.35 32.73 30.99
N LEU A 4 -15.58 33.20 31.19
CA LEU A 4 -16.73 32.42 30.77
C LEU A 4 -17.01 32.58 29.28
N ALA A 5 -16.86 33.79 28.74
CA ALA A 5 -17.06 33.98 27.31
C ALA A 5 -16.00 33.25 26.50
N GLU A 6 -14.75 33.30 26.95
CA GLU A 6 -13.69 32.53 26.32
C GLU A 6 -14.01 31.05 26.34
N PHE A 7 -14.28 30.51 27.54
CA PHE A 7 -14.58 29.09 27.67
C PHE A 7 -15.64 28.65 26.66
N ARG A 8 -16.63 29.49 26.38
CA ARG A 8 -17.66 29.06 25.47
C ARG A 8 -17.22 29.15 24.02
N ALA A 9 -16.32 30.08 23.68
CA ALA A 9 -15.80 30.11 22.33
C ALA A 9 -14.83 28.95 22.09
N ALA A 10 -14.05 28.59 23.12
CA ALA A 10 -13.22 27.40 23.03
C ALA A 10 -14.07 26.15 22.84
N GLU A 11 -15.17 26.04 23.58
CA GLU A 11 -16.07 24.90 23.43
C GLU A 11 -16.73 24.90 22.06
N LYS A 12 -16.88 26.08 21.48
CA LYS A 12 -17.43 26.21 20.13
C LYS A 12 -16.37 25.88 19.08
N ALA A 13 -15.16 26.43 19.24
CA ALA A 13 -14.08 26.15 18.30
C ALA A 13 -13.72 24.67 18.29
N LEU A 14 -13.91 24.00 19.42
CA LEU A 14 -13.64 22.57 19.51
C LEU A 14 -14.72 21.76 18.80
N GLN A 15 -15.99 22.03 19.11
CA GLN A 15 -17.11 21.39 18.42
C GLN A 15 -16.94 21.46 16.90
N GLU A 16 -16.54 22.63 16.39
CA GLU A 16 -16.26 22.76 14.97
C GLU A 16 -15.13 21.85 14.53
N GLN A 17 -14.10 21.72 15.36
CA GLN A 17 -12.95 20.88 14.99
C GLN A 17 -13.33 19.41 14.95
N MET A 18 -14.12 18.96 15.91
CA MET A 18 -14.60 17.58 15.89
C MET A 18 -15.37 17.28 14.63
N ALA A 19 -16.04 18.29 14.07
CA ALA A 19 -16.80 18.10 12.85
C ALA A 19 -15.92 18.15 11.62
N GLN A 20 -14.93 19.05 11.59
CA GLN A 20 -13.98 19.08 10.47
C GLN A 20 -13.11 17.84 10.44
N LEU A 21 -12.78 17.26 11.60
CA LEU A 21 -12.08 15.98 11.59
C LEU A 21 -12.90 14.92 10.90
N GLU A 22 -14.17 14.77 11.30
CA GLU A 22 -15.01 13.73 10.71
C GLU A 22 -15.26 13.96 9.22
N ALA A 23 -15.12 15.20 8.74
CA ALA A 23 -15.18 15.43 7.30
C ALA A 23 -14.12 14.63 6.57
N LEU A 24 -12.93 14.53 7.16
CA LEU A 24 -11.78 13.93 6.50
C LEU A 24 -11.88 12.42 6.34
N LYS A 25 -12.71 11.75 7.16
CA LYS A 25 -12.75 10.29 7.12
C LYS A 25 -13.26 9.76 5.78
N LYS A 26 -13.92 10.60 4.98
CA LYS A 26 -14.58 10.15 3.76
C LYS A 26 -13.65 10.09 2.56
N ASP A 27 -12.54 10.83 2.60
CA ASP A 27 -11.68 11.03 1.43
C ASP A 27 -11.23 9.70 0.85
N ALA A 28 -11.30 9.59 -0.48
CA ALA A 28 -10.79 8.40 -1.16
C ALA A 28 -9.28 8.29 -0.98
N GLY A 29 -8.56 9.41 -1.15
CA GLY A 29 -7.12 9.39 -0.99
C GLY A 29 -6.66 8.83 0.34
N LEU A 30 -7.31 9.28 1.43
CA LEU A 30 -6.98 8.75 2.76
C LEU A 30 -7.29 7.26 2.85
N LYS A 31 -8.42 6.83 2.31
CA LYS A 31 -8.79 5.41 2.42
C LYS A 31 -7.73 4.50 1.79
N ARG A 32 -7.12 4.91 0.67
CA ARG A 32 -6.06 4.09 0.05
C ARG A 32 -4.80 4.06 0.91
N GLU A 33 -4.44 5.20 1.51
CA GLU A 33 -3.27 5.26 2.40
C GLU A 33 -3.44 4.38 3.63
N ILE A 34 -4.67 4.22 4.12
CA ILE A 34 -4.89 3.33 5.25
C ILE A 34 -4.83 1.89 4.79
N GLU A 35 -5.25 1.61 3.55
CA GLU A 35 -5.05 0.30 2.96
C GLU A 35 -3.57 -0.07 2.90
N PHE A 36 -2.71 0.87 2.52
CA PHE A 36 -1.29 0.55 2.43
C PHE A 36 -0.71 0.23 3.81
N GLU A 37 -1.04 1.04 4.81
CA GLU A 37 -0.59 0.75 6.17
C GLU A 37 -1.13 -0.59 6.65
N GLN A 38 -2.38 -0.90 6.31
CA GLN A 38 -2.96 -2.19 6.61
C GLN A 38 -2.09 -3.32 6.10
N LYS A 39 -1.70 -3.25 4.82
CA LYS A 39 -0.90 -4.32 4.24
C LYS A 39 0.45 -4.41 4.94
N LEU A 40 1.14 -3.28 5.08
CA LEU A 40 2.34 -3.20 5.91
C LEU A 40 2.21 -3.93 7.24
N VAL A 41 1.13 -3.70 7.99
CA VAL A 41 0.96 -4.39 9.26
C VAL A 41 0.84 -5.89 9.04
N GLY A 42 0.02 -6.28 8.05
CA GLY A 42 -0.05 -7.69 7.67
C GLY A 42 1.31 -8.24 7.31
N LEU A 43 2.13 -7.45 6.63
CA LEU A 43 3.48 -7.90 6.33
C LEU A 43 4.27 -8.11 7.61
N MET A 44 4.14 -7.17 8.56
CA MET A 44 4.89 -7.24 9.81
C MET A 44 4.43 -8.40 10.66
N LYS A 45 3.10 -8.58 10.75
CA LYS A 45 2.57 -9.74 11.44
C LYS A 45 3.12 -11.02 10.85
N SER A 46 3.10 -11.14 9.52
CA SER A 46 3.62 -12.35 8.89
C SER A 46 5.07 -12.57 9.29
N TYR A 47 5.88 -11.51 9.29
CA TYR A 47 7.27 -11.70 9.70
C TYR A 47 7.36 -12.27 11.11
N ASP A 48 6.54 -11.76 12.03
CA ASP A 48 6.55 -12.28 13.40
C ASP A 48 6.04 -13.71 13.44
N LYS A 49 4.98 -14.00 12.68
CA LYS A 49 4.42 -15.35 12.69
C LYS A 49 5.46 -16.37 12.28
N SER A 50 6.28 -16.04 11.26
CA SER A 50 7.35 -16.90 10.77
C SER A 50 8.60 -16.88 11.64
N LEU A 51 8.49 -16.45 12.91
CA LEU A 51 9.49 -16.76 13.94
C LEU A 51 9.00 -17.85 14.90
N GLU A 52 7.94 -18.57 14.53
CA GLU A 52 7.25 -19.55 15.37
C GLU A 52 7.06 -19.02 16.80
N SER B 2 -12.55 9.59 63.98
CA SER B 2 -11.18 9.29 64.38
C SER B 2 -10.92 7.79 64.64
N ARG B 3 -11.94 6.95 64.44
CA ARG B 3 -11.99 5.65 65.10
C ARG B 3 -10.94 4.68 64.59
N LEU B 4 -10.42 3.88 65.53
CA LEU B 4 -9.52 2.79 65.21
C LEU B 4 -10.19 1.77 64.31
N ALA B 5 -11.52 1.60 64.43
CA ALA B 5 -12.24 0.69 63.56
C ALA B 5 -12.21 1.17 62.11
N GLU B 6 -12.35 2.47 61.90
CA GLU B 6 -12.38 2.98 60.54
C GLU B 6 -11.01 2.94 59.88
N PHE B 7 -9.94 3.12 60.65
CA PHE B 7 -8.60 2.98 60.10
C PHE B 7 -8.36 1.55 59.62
N ARG B 8 -8.57 0.57 60.50
CA ARG B 8 -8.37 -0.82 60.14
C ARG B 8 -9.26 -1.25 58.97
N ALA B 9 -10.38 -0.55 58.77
CA ALA B 9 -11.20 -0.81 57.59
C ALA B 9 -10.56 -0.20 56.34
N ALA B 10 -10.12 1.05 56.42
CA ALA B 10 -9.39 1.64 55.31
C ALA B 10 -8.12 0.86 55.00
N GLU B 11 -7.51 0.27 56.03
CA GLU B 11 -6.28 -0.50 55.85
C GLU B 11 -6.54 -1.74 55.01
N LYS B 12 -7.67 -2.40 55.24
CA LYS B 12 -8.05 -3.56 54.45
C LYS B 12 -8.55 -3.14 53.07
N ALA B 13 -9.17 -1.95 52.97
CA ALA B 13 -9.52 -1.40 51.66
C ALA B 13 -8.27 -1.18 50.82
N LEU B 14 -7.22 -0.60 51.42
CA LEU B 14 -5.99 -0.37 50.68
C LEU B 14 -5.24 -1.66 50.42
N GLN B 15 -5.37 -2.68 51.28
CA GLN B 15 -4.76 -3.97 51.00
C GLN B 15 -5.46 -4.65 49.83
N GLU B 16 -6.79 -4.52 49.76
CA GLU B 16 -7.52 -5.14 48.67
C GLU B 16 -7.26 -4.44 47.36
N GLN B 17 -7.02 -3.13 47.37
CA GLN B 17 -6.70 -2.45 46.12
C GLN B 17 -5.37 -2.93 45.55
N MET B 18 -4.29 -2.90 46.35
CA MET B 18 -3.04 -3.43 45.82
C MET B 18 -3.16 -4.91 45.41
N ALA B 19 -4.26 -5.58 45.75
CA ALA B 19 -4.53 -6.92 45.25
C ALA B 19 -5.21 -6.89 43.89
N GLN B 20 -6.15 -5.95 43.70
CA GLN B 20 -6.73 -5.76 42.37
C GLN B 20 -5.68 -5.28 41.37
N LEU B 21 -4.72 -4.46 41.81
CA LEU B 21 -3.65 -4.05 40.92
C LEU B 21 -2.80 -5.24 40.49
N GLU B 22 -2.43 -6.09 41.45
CA GLU B 22 -1.60 -7.25 41.11
C GLU B 22 -2.28 -8.18 40.11
N ALA B 23 -3.61 -8.23 40.11
CA ALA B 23 -4.33 -9.07 39.17
C ALA B 23 -4.45 -8.45 37.78
N LEU B 24 -4.26 -7.14 37.66
CA LEU B 24 -4.18 -6.49 36.35
C LEU B 24 -2.83 -6.70 35.68
N LYS B 25 -1.75 -6.74 36.47
CA LYS B 25 -0.43 -6.98 35.89
C LYS B 25 -0.35 -8.36 35.26
N LYS B 26 -1.23 -9.27 35.64
CA LYS B 26 -1.23 -10.63 35.11
C LYS B 26 -2.12 -10.79 33.88
N ASP B 27 -2.85 -9.75 33.49
CA ASP B 27 -3.75 -9.87 32.36
C ASP B 27 -2.97 -9.95 31.04
N ALA B 28 -3.37 -10.89 30.17
CA ALA B 28 -2.63 -11.07 28.93
C ALA B 28 -2.81 -9.88 27.99
N GLY B 29 -4.03 -9.31 27.93
CA GLY B 29 -4.26 -8.17 27.06
C GLY B 29 -3.48 -6.94 27.48
N LEU B 30 -3.08 -6.87 28.75
CA LEU B 30 -2.28 -5.73 29.21
C LEU B 30 -0.80 -5.97 28.95
N LYS B 31 -0.34 -7.23 29.03
CA LYS B 31 1.06 -7.52 28.76
C LYS B 31 1.38 -7.25 27.29
N ARG B 32 0.42 -7.53 26.41
CA ARG B 32 0.59 -7.23 24.99
C ARG B 32 0.76 -5.74 24.77
N GLU B 33 -0.08 -4.93 25.41
CA GLU B 33 -0.04 -3.50 25.19
C GLU B 33 1.30 -2.90 25.58
N ILE B 34 1.98 -3.50 26.58
CA ILE B 34 3.32 -3.06 26.92
C ILE B 34 4.29 -3.39 25.81
N GLU B 35 4.20 -4.61 25.26
CA GLU B 35 5.06 -5.02 24.15
C GLU B 35 4.93 -4.06 22.97
N PHE B 36 3.69 -3.70 22.61
CA PHE B 36 3.48 -2.84 21.45
C PHE B 36 4.06 -1.45 21.70
N GLU B 37 3.88 -0.96 22.94
CA GLU B 37 4.44 0.32 23.33
C GLU B 37 5.97 0.30 23.29
N GLN B 38 6.56 -0.88 23.53
CA GLN B 38 8.01 -1.02 23.39
C GLN B 38 8.41 -1.18 21.92
N LYS B 39 7.60 -1.90 21.13
CA LYS B 39 7.82 -1.92 19.70
C LYS B 39 7.74 -0.52 19.12
N LEU B 40 6.89 0.33 19.69
CA LEU B 40 6.77 1.70 19.20
C LEU B 40 8.04 2.49 19.49
N VAL B 41 8.58 2.34 20.70
CA VAL B 41 9.78 3.09 21.05
C VAL B 41 10.97 2.57 20.25
N GLY B 42 11.00 1.25 20.01
CA GLY B 42 12.05 0.70 19.18
C GLY B 42 11.96 1.18 17.74
N LEU B 43 10.77 1.02 17.13
CA LEU B 43 10.55 1.51 15.78
C LEU B 43 10.96 2.96 15.65
N MET B 44 10.85 3.71 16.74
CA MET B 44 11.27 5.10 16.73
C MET B 44 12.79 5.22 16.82
N LYS B 45 13.44 4.36 17.61
CA LYS B 45 14.90 4.28 17.55
C LYS B 45 15.37 4.03 16.13
N SER B 46 14.83 2.99 15.50
CA SER B 46 15.18 2.66 14.11
C SER B 46 15.00 3.85 13.18
N TYR B 47 13.90 4.60 13.33
CA TYR B 47 13.75 5.81 12.54
C TYR B 47 14.89 6.81 12.79
N ASP B 48 15.42 6.86 14.02
CA ASP B 48 16.54 7.79 14.27
C ASP B 48 17.84 7.29 13.67
N LYS B 49 18.19 6.03 13.96
CA LYS B 49 19.33 5.40 13.32
C LYS B 49 19.26 5.57 11.79
N SER B 50 18.06 5.73 11.24
CA SER B 50 17.88 5.97 9.82
C SER B 50 18.33 7.36 9.37
N LEU B 51 18.24 8.34 10.26
CA LEU B 51 18.58 9.73 9.96
C LEU B 51 20.09 9.94 9.79
N GLU B 52 20.91 9.04 10.32
CA GLU B 52 22.35 9.05 10.09
C GLU B 52 22.75 7.97 9.07
N SER C 2 5.07 9.94 -14.55
CA SER C 2 6.35 9.44 -15.05
C SER C 2 6.72 8.16 -14.29
N ARG C 3 6.07 7.10 -14.69
CA ARG C 3 5.93 5.91 -13.89
C ARG C 3 7.01 4.91 -14.24
N LEU C 4 7.40 4.11 -13.24
CA LEU C 4 8.29 2.98 -13.48
C LEU C 4 7.63 1.94 -14.38
N ALA C 5 6.30 1.84 -14.34
CA ALA C 5 5.58 0.96 -15.24
C ALA C 5 5.74 1.40 -16.68
N GLU C 6 5.76 2.72 -16.91
CA GLU C 6 5.95 3.23 -18.26
C GLU C 6 7.32 2.85 -18.80
N PHE C 7 8.37 3.04 -17.99
CA PHE C 7 9.72 2.73 -18.45
C PHE C 7 9.87 1.26 -18.79
N ARG C 8 9.16 0.38 -18.10
CA ARG C 8 9.30 -1.04 -18.40
C ARG C 8 8.49 -1.42 -19.63
N ALA C 9 7.37 -0.73 -19.88
CA ALA C 9 6.64 -0.95 -21.12
C ALA C 9 7.44 -0.42 -22.32
N ALA C 10 8.12 0.71 -22.15
CA ALA C 10 8.96 1.24 -23.22
C ALA C 10 10.14 0.33 -23.47
N GLU C 11 10.63 -0.34 -22.44
CA GLU C 11 11.74 -1.28 -22.58
C GLU C 11 11.34 -2.47 -23.46
N LYS C 12 10.12 -2.95 -23.27
CA LYS C 12 9.67 -4.12 -24.02
C LYS C 12 9.21 -3.72 -25.42
N ALA C 13 8.55 -2.56 -25.54
CA ALA C 13 8.20 -2.05 -26.86
C ALA C 13 9.45 -1.91 -27.71
N LEU C 14 10.52 -1.35 -27.15
CA LEU C 14 11.72 -1.26 -27.94
C LEU C 14 12.40 -2.61 -28.13
N GLN C 15 12.12 -3.59 -27.29
CA GLN C 15 12.56 -4.95 -27.57
C GLN C 15 11.77 -5.56 -28.73
N GLU C 16 10.50 -5.16 -28.90
CA GLU C 16 9.75 -5.58 -30.09
C GLU C 16 10.43 -5.07 -31.35
N GLN C 17 10.89 -3.82 -31.31
CA GLN C 17 11.51 -3.22 -32.48
C GLN C 17 12.78 -3.94 -32.90
N MET C 18 13.72 -4.18 -31.98
CA MET C 18 14.95 -4.83 -32.44
C MET C 18 14.65 -6.22 -32.98
N ALA C 19 13.77 -6.98 -32.33
CA ALA C 19 13.34 -8.26 -32.87
C ALA C 19 12.64 -8.11 -34.21
N GLN C 20 11.84 -7.05 -34.38
CA GLN C 20 11.14 -6.82 -35.64
C GLN C 20 12.09 -6.30 -36.73
N LEU C 21 13.14 -5.56 -36.34
CA LEU C 21 14.17 -5.19 -37.31
C LEU C 21 15.02 -6.40 -37.69
N GLU C 22 15.39 -7.22 -36.73
CA GLU C 22 16.20 -8.40 -37.04
C GLU C 22 15.46 -9.38 -37.93
N ALA C 23 14.14 -9.20 -38.12
CA ALA C 23 13.40 -9.96 -39.13
C ALA C 23 13.52 -9.31 -40.51
N LEU C 24 13.75 -8.01 -40.55
CA LEU C 24 13.90 -7.31 -41.82
C LEU C 24 15.22 -7.67 -42.49
N LYS C 25 16.31 -7.72 -41.71
CA LYS C 25 17.55 -8.20 -42.28
C LYS C 25 17.52 -9.69 -42.61
N LYS C 26 16.51 -10.42 -42.16
CA LYS C 26 16.51 -11.86 -42.38
C LYS C 26 16.13 -12.23 -43.80
N ASP C 27 15.16 -11.54 -44.41
CA ASP C 27 14.57 -12.03 -45.65
C ASP C 27 15.50 -11.82 -46.86
N ALA C 28 15.15 -12.47 -47.96
CA ALA C 28 16.02 -12.48 -49.13
C ALA C 28 15.81 -11.26 -50.02
N GLY C 29 14.57 -10.78 -50.13
CA GLY C 29 14.33 -9.59 -50.95
C GLY C 29 15.20 -8.41 -50.53
N LEU C 30 15.41 -8.26 -49.23
CA LEU C 30 16.36 -7.26 -48.79
C LEU C 30 17.80 -7.70 -49.03
N LYS C 31 18.11 -8.97 -48.74
CA LYS C 31 19.44 -9.52 -48.94
C LYS C 31 19.99 -9.21 -50.34
N ARG C 32 19.19 -9.52 -51.38
CA ARG C 32 19.66 -9.34 -52.75
C ARG C 32 19.68 -7.87 -53.15
N GLU C 33 18.67 -7.11 -52.74
CA GLU C 33 18.62 -5.69 -53.07
C GLU C 33 19.85 -4.93 -52.56
N ILE C 34 20.47 -5.43 -51.48
CA ILE C 34 21.74 -4.91 -51.01
C ILE C 34 22.85 -5.24 -51.99
N GLU C 35 22.83 -6.45 -52.54
CA GLU C 35 23.81 -6.84 -53.55
C GLU C 35 23.71 -5.92 -54.76
N PHE C 36 22.49 -5.71 -55.26
CA PHE C 36 22.29 -4.89 -56.45
C PHE C 36 22.78 -3.47 -56.23
N GLU C 37 22.89 -3.05 -54.97
CA GLU C 37 23.52 -1.77 -54.66
C GLU C 37 25.03 -1.87 -54.77
N GLN C 38 25.60 -3.02 -54.38
CA GLN C 38 27.05 -3.18 -54.48
C GLN C 38 27.47 -3.47 -55.91
N LYS C 39 26.65 -4.18 -56.67
CA LYS C 39 26.91 -4.32 -58.10
C LYS C 39 26.86 -2.95 -58.78
N LEU C 40 25.95 -2.09 -58.34
CA LEU C 40 25.80 -0.79 -58.99
C LEU C 40 27.03 0.07 -58.74
N VAL C 41 27.53 0.10 -57.50
CA VAL C 41 28.76 0.86 -57.26
C VAL C 41 29.94 0.14 -57.89
N GLY C 42 29.88 -1.18 -57.95
CA GLY C 42 30.86 -1.97 -58.68
C GLY C 42 30.95 -1.54 -60.12
N LEU C 43 29.80 -1.63 -60.82
CA LEU C 43 29.72 -1.31 -62.24
C LEU C 43 30.14 0.12 -62.49
N MET C 44 30.03 0.98 -61.48
CA MET C 44 30.43 2.38 -61.64
C MET C 44 31.94 2.53 -61.42
N LYS C 45 32.50 1.76 -60.48
CA LYS C 45 33.95 1.68 -60.37
C LYS C 45 34.57 1.25 -61.70
N SER C 46 33.91 0.32 -62.39
CA SER C 46 34.42 -0.21 -63.66
C SER C 46 34.25 0.78 -64.79
N TYR C 47 33.17 1.55 -64.79
CA TYR C 47 33.04 2.65 -65.75
C TYR C 47 34.12 3.70 -65.53
N ASP C 48 34.53 3.93 -64.27
CA ASP C 48 35.56 4.94 -64.02
C ASP C 48 36.93 4.48 -64.53
N LYS C 49 37.29 3.23 -64.26
CA LYS C 49 38.47 2.65 -64.89
C LYS C 49 38.45 2.93 -66.39
N SER C 50 37.33 2.63 -67.04
CA SER C 50 37.14 2.72 -68.48
C SER C 50 37.40 4.11 -69.07
N LEU C 51 37.64 5.13 -68.24
CA LEU C 51 38.02 6.46 -68.73
C LEU C 51 39.50 6.71 -68.44
N GLU C 52 40.22 7.17 -69.47
CA GLU C 52 41.67 7.46 -69.43
C GLU C 52 42.14 7.78 -70.86
N SER D 2 -9.01 -11.22 -17.76
CA SER D 2 -8.65 -12.26 -18.72
C SER D 2 -7.16 -12.69 -18.63
N ARG D 3 -6.97 -13.98 -18.42
CA ARG D 3 -5.69 -14.52 -17.98
C ARG D 3 -4.58 -14.33 -19.00
N LEU D 4 -3.41 -13.96 -18.48
CA LEU D 4 -2.22 -13.92 -19.33
C LEU D 4 -1.95 -15.29 -19.96
N ALA D 5 -2.16 -16.37 -19.19
CA ALA D 5 -1.85 -17.70 -19.68
C ALA D 5 -2.81 -18.14 -20.77
N GLU D 6 -4.06 -17.68 -20.70
CA GLU D 6 -4.99 -17.91 -21.79
C GLU D 6 -4.53 -17.20 -23.04
N PHE D 7 -4.25 -15.89 -22.92
CA PHE D 7 -3.78 -15.16 -24.09
C PHE D 7 -2.57 -15.85 -24.72
N ARG D 8 -1.69 -16.41 -23.91
CA ARG D 8 -0.48 -16.98 -24.49
C ARG D 8 -0.74 -18.36 -25.11
N ALA D 9 -1.70 -19.10 -24.56
CA ALA D 9 -2.10 -20.35 -25.21
C ALA D 9 -2.75 -20.08 -26.56
N ALA D 10 -3.55 -19.01 -26.65
CA ALA D 10 -4.17 -18.63 -27.90
C ALA D 10 -3.13 -18.19 -28.92
N GLU D 11 -2.10 -17.48 -28.46
CA GLU D 11 -1.00 -17.08 -29.33
C GLU D 11 -0.31 -18.29 -29.93
N LYS D 12 -0.06 -19.32 -29.11
CA LYS D 12 0.55 -20.54 -29.62
C LYS D 12 -0.37 -21.22 -30.64
N ALA D 13 -1.66 -21.34 -30.32
CA ALA D 13 -2.59 -21.99 -31.22
C ALA D 13 -2.70 -21.24 -32.54
N LEU D 14 -2.54 -19.91 -32.49
CA LEU D 14 -2.57 -19.14 -33.73
C LEU D 14 -1.39 -19.49 -34.60
N GLN D 15 -0.21 -19.70 -34.01
CA GLN D 15 0.98 -19.90 -34.81
C GLN D 15 1.04 -21.30 -35.40
N GLU D 16 0.43 -22.29 -34.74
CA GLU D 16 0.37 -23.62 -35.35
C GLU D 16 -0.72 -23.70 -36.42
N GLN D 17 -1.82 -22.96 -36.26
CA GLN D 17 -2.83 -22.88 -37.31
C GLN D 17 -2.30 -22.18 -38.54
N MET D 18 -1.61 -21.05 -38.35
CA MET D 18 -0.90 -20.43 -39.47
C MET D 18 -0.02 -21.45 -40.18
N ALA D 19 0.84 -22.15 -39.44
CA ALA D 19 1.75 -23.10 -40.06
C ALA D 19 1.00 -24.27 -40.70
N GLN D 20 -0.10 -24.72 -40.07
CA GLN D 20 -0.87 -25.82 -40.64
C GLN D 20 -1.63 -25.38 -41.89
N LEU D 21 -2.06 -24.11 -41.95
CA LEU D 21 -2.58 -23.61 -43.21
C LEU D 21 -1.51 -23.63 -44.28
N GLU D 22 -0.29 -23.20 -43.94
CA GLU D 22 0.76 -23.11 -44.94
C GLU D 22 1.12 -24.47 -45.51
N ALA D 23 0.90 -25.53 -44.74
CA ALA D 23 1.11 -26.88 -45.26
C ALA D 23 0.12 -27.20 -46.37
N LEU D 24 -1.12 -26.71 -46.25
CA LEU D 24 -2.13 -26.95 -47.28
C LEU D 24 -1.75 -26.25 -48.59
N LYS D 25 -1.08 -25.11 -48.50
CA LYS D 25 -0.63 -24.41 -49.70
C LYS D 25 0.33 -25.23 -50.53
N LYS D 26 0.96 -26.26 -49.95
CA LYS D 26 1.86 -27.12 -50.71
C LYS D 26 1.11 -28.04 -51.66
N ASP D 27 -0.04 -28.58 -51.23
CA ASP D 27 -0.79 -29.62 -51.97
C ASP D 27 -0.77 -29.43 -53.48
N ALA D 28 -0.59 -30.55 -54.18
CA ALA D 28 -0.66 -30.54 -55.65
C ALA D 28 -2.10 -30.40 -56.12
N GLY D 29 -3.01 -31.19 -55.56
CA GLY D 29 -4.40 -31.16 -55.99
C GLY D 29 -5.07 -29.81 -55.76
N LEU D 30 -4.72 -29.14 -54.64
CA LEU D 30 -5.07 -27.74 -54.48
C LEU D 30 -4.60 -26.90 -55.67
N LYS D 31 -3.37 -27.11 -56.11
CA LYS D 31 -2.82 -26.26 -57.16
C LYS D 31 -3.56 -26.42 -58.48
N ARG D 32 -4.02 -27.64 -58.81
CA ARG D 32 -4.83 -27.79 -60.02
C ARG D 32 -6.17 -27.10 -59.86
N GLU D 33 -6.86 -27.34 -58.74
CA GLU D 33 -8.17 -26.73 -58.54
C GLU D 33 -8.10 -25.22 -58.65
N ILE D 34 -7.02 -24.63 -58.15
CA ILE D 34 -6.79 -23.21 -58.37
C ILE D 34 -6.71 -22.95 -59.86
N GLU D 35 -5.82 -23.68 -60.55
CA GLU D 35 -5.57 -23.45 -61.97
C GLU D 35 -6.86 -23.53 -62.76
N PHE D 36 -7.75 -24.46 -62.41
CA PHE D 36 -9.02 -24.54 -63.11
C PHE D 36 -9.86 -23.27 -62.92
N GLU D 37 -9.98 -22.78 -61.67
CA GLU D 37 -10.79 -21.57 -61.44
C GLU D 37 -10.18 -20.36 -62.13
N GLN D 38 -8.85 -20.33 -62.26
CA GLN D 38 -8.22 -19.31 -63.09
C GLN D 38 -8.76 -19.38 -64.50
N LYS D 39 -8.73 -20.60 -65.08
CA LYS D 39 -9.22 -20.82 -66.45
C LYS D 39 -10.67 -20.42 -66.57
N LEU D 40 -11.51 -20.88 -65.64
CA LEU D 40 -12.88 -20.35 -65.52
C LEU D 40 -12.92 -18.85 -65.70
N VAL D 41 -12.17 -18.13 -64.86
CA VAL D 41 -12.22 -16.67 -64.89
C VAL D 41 -11.72 -16.16 -66.23
N GLY D 42 -10.61 -16.73 -66.71
CA GLY D 42 -10.07 -16.30 -67.98
C GLY D 42 -11.09 -16.43 -69.10
N LEU D 43 -11.85 -17.51 -69.09
CA LEU D 43 -12.88 -17.67 -70.10
C LEU D 43 -13.99 -16.66 -69.92
N MET D 44 -14.33 -16.32 -68.67
CA MET D 44 -15.43 -15.40 -68.41
C MET D 44 -15.11 -14.01 -68.94
N LYS D 45 -13.85 -13.59 -68.83
CA LYS D 45 -13.47 -12.29 -69.37
C LYS D 45 -13.45 -12.33 -70.88
N SER D 46 -12.88 -13.40 -71.45
CA SER D 46 -12.75 -13.53 -72.89
C SER D 46 -14.09 -13.76 -73.57
N TYR D 47 -15.13 -14.10 -72.81
CA TYR D 47 -16.48 -14.03 -73.34
C TYR D 47 -16.96 -12.58 -73.45
N ASP D 48 -16.79 -11.79 -72.38
CA ASP D 48 -17.22 -10.39 -72.42
C ASP D 48 -16.44 -9.60 -73.46
N LYS D 49 -15.14 -9.87 -73.58
CA LYS D 49 -14.36 -9.24 -74.63
C LYS D 49 -14.95 -9.54 -76.01
N SER D 50 -15.52 -10.73 -76.22
CA SER D 50 -16.14 -11.02 -77.51
C SER D 50 -17.52 -10.39 -77.68
N LEU D 51 -18.19 -10.00 -76.61
CA LEU D 51 -19.40 -9.20 -76.78
C LEU D 51 -19.11 -7.69 -76.93
N GLU D 52 -17.89 -7.31 -77.35
CA GLU D 52 -17.40 -5.92 -77.39
C GLU D 52 -18.09 -4.98 -76.43
N SER E 2 11.24 -6.98 -48.25
CA SER E 2 11.35 -5.59 -47.79
C SER E 2 12.32 -4.80 -48.67
N ARG E 3 12.16 -3.47 -48.69
CA ARG E 3 13.09 -2.60 -49.38
C ARG E 3 14.20 -2.13 -48.44
N LEU E 4 15.36 -1.87 -49.05
CA LEU E 4 16.48 -1.27 -48.33
C LEU E 4 16.11 0.10 -47.76
N ALA E 5 15.16 0.79 -48.38
CA ALA E 5 14.84 2.14 -47.89
C ALA E 5 13.99 2.07 -46.63
N GLU E 6 13.14 1.04 -46.54
CA GLU E 6 12.42 0.75 -45.32
C GLU E 6 13.37 0.41 -44.19
N PHE E 7 14.34 -0.48 -44.45
CA PHE E 7 15.23 -0.96 -43.40
C PHE E 7 16.05 0.18 -42.83
N ARG E 8 16.56 1.08 -43.68
CA ARG E 8 17.32 2.21 -43.15
C ARG E 8 16.42 3.15 -42.35
N ALA E 9 15.12 3.18 -42.66
CA ALA E 9 14.18 3.97 -41.87
C ALA E 9 13.92 3.31 -40.51
N ALA E 10 14.04 1.99 -40.45
CA ALA E 10 13.88 1.27 -39.19
C ALA E 10 15.09 1.45 -38.28
N GLU E 11 16.30 1.43 -38.84
CA GLU E 11 17.49 1.73 -38.04
C GLU E 11 17.41 3.13 -37.43
N LYS E 12 16.98 4.11 -38.23
CA LYS E 12 16.76 5.46 -37.71
C LYS E 12 15.64 5.46 -36.67
N ALA E 13 14.62 4.63 -36.89
CA ALA E 13 13.54 4.49 -35.90
C ALA E 13 14.11 4.06 -34.56
N LEU E 14 14.91 2.99 -34.56
CA LEU E 14 15.49 2.48 -33.32
C LEU E 14 16.36 3.51 -32.63
N GLN E 15 17.37 4.05 -33.33
CA GLN E 15 18.24 5.03 -32.71
C GLN E 15 17.42 6.16 -32.09
N GLU E 16 16.38 6.61 -32.79
CA GLU E 16 15.47 7.60 -32.21
C GLU E 16 14.78 7.06 -30.97
N GLN E 17 14.58 5.74 -30.90
CA GLN E 17 13.88 5.17 -29.74
C GLN E 17 14.81 4.84 -28.58
N MET E 18 16.00 4.31 -28.85
CA MET E 18 16.96 4.07 -27.77
C MET E 18 17.28 5.35 -27.03
N ALA E 19 17.52 6.44 -27.78
CA ALA E 19 17.75 7.73 -27.13
C ALA E 19 16.50 8.23 -26.43
N GLN E 20 15.32 7.78 -26.87
CA GLN E 20 14.10 8.21 -26.21
C GLN E 20 13.91 7.49 -24.88
N LEU E 21 14.33 6.23 -24.81
CA LEU E 21 14.28 5.50 -23.54
C LEU E 21 15.17 6.16 -22.51
N GLU E 22 16.42 6.46 -22.89
CA GLU E 22 17.38 7.01 -21.95
C GLU E 22 16.90 8.34 -21.37
N ALA E 23 16.09 9.09 -22.11
CA ALA E 23 15.57 10.35 -21.58
C ALA E 23 14.73 10.14 -20.34
N LEU E 24 14.08 8.97 -20.22
CA LEU E 24 13.21 8.70 -19.08
C LEU E 24 14.02 8.49 -17.80
N LYS E 25 15.28 8.08 -17.93
CA LYS E 25 16.10 7.71 -16.78
C LYS E 25 16.36 8.91 -15.86
N LYS E 26 16.59 10.10 -16.43
CA LYS E 26 16.87 11.29 -15.63
C LYS E 26 15.77 11.61 -14.63
N ASP E 27 14.56 11.07 -14.81
CA ASP E 27 13.41 11.66 -14.15
C ASP E 27 13.40 11.35 -12.65
N ALA E 28 13.04 12.36 -11.85
CA ALA E 28 13.07 12.24 -10.40
C ALA E 28 11.98 11.28 -9.91
N GLY E 29 10.77 11.42 -10.45
CA GLY E 29 9.67 10.56 -10.04
C GLY E 29 9.94 9.10 -10.28
N LEU E 30 10.53 8.77 -11.44
CA LEU E 30 10.92 7.39 -11.72
C LEU E 30 12.01 6.93 -10.76
N LYS E 31 12.99 7.79 -10.48
CA LYS E 31 14.03 7.41 -9.53
C LYS E 31 13.44 7.19 -8.13
N ARG E 32 12.37 7.92 -7.76
CA ARG E 32 11.72 7.63 -6.49
C ARG E 32 11.14 6.23 -6.49
N GLU E 33 10.47 5.85 -7.58
CA GLU E 33 9.80 4.55 -7.62
C GLU E 33 10.78 3.41 -7.62
N ILE E 34 11.95 3.62 -8.21
CA ILE E 34 13.00 2.60 -8.22
C ILE E 34 13.49 2.37 -6.81
N GLU E 35 13.65 3.46 -6.03
CA GLU E 35 14.07 3.33 -4.64
C GLU E 35 13.06 2.55 -3.83
N PHE E 36 11.76 2.81 -4.04
CA PHE E 36 10.75 2.05 -3.32
C PHE E 36 10.89 0.58 -3.58
N GLU E 37 10.99 0.21 -4.86
CA GLU E 37 11.12 -1.21 -5.18
C GLU E 37 12.39 -1.78 -4.59
N GLN E 38 13.45 -0.98 -4.50
CA GLN E 38 14.69 -1.46 -3.90
C GLN E 38 14.52 -1.67 -2.40
N LYS E 39 13.78 -0.79 -1.72
CA LYS E 39 13.47 -1.04 -0.32
C LYS E 39 12.60 -2.28 -0.18
N LEU E 40 11.72 -2.50 -1.16
CA LEU E 40 10.90 -3.71 -1.15
C LEU E 40 11.77 -4.95 -1.22
N VAL E 41 12.87 -4.88 -1.96
CA VAL E 41 13.75 -6.03 -2.15
C VAL E 41 14.52 -6.34 -0.88
N GLY E 42 15.05 -5.28 -0.25
CA GLY E 42 15.76 -5.47 1.01
C GLY E 42 14.84 -6.02 2.08
N LEU E 43 13.57 -5.63 2.06
CA LEU E 43 12.59 -6.32 2.88
C LEU E 43 12.63 -7.80 2.61
N MET E 44 12.59 -8.17 1.32
CA MET E 44 12.52 -9.57 0.92
C MET E 44 13.79 -10.32 1.30
N LYS E 45 14.93 -9.73 0.98
CA LYS E 45 16.21 -10.33 1.35
C LYS E 45 16.26 -10.57 2.85
N SER E 46 15.98 -9.52 3.63
CA SER E 46 15.95 -9.63 5.09
C SER E 46 15.01 -10.73 5.56
N TYR E 47 13.85 -10.89 4.91
CA TYR E 47 12.95 -11.98 5.29
C TYR E 47 13.57 -13.33 5.03
N ASP E 48 14.43 -13.42 4.02
CA ASP E 48 15.04 -14.71 3.71
C ASP E 48 16.19 -15.02 4.68
N LYS E 49 17.01 -14.01 5.00
CA LYS E 49 18.05 -14.19 6.01
C LYS E 49 17.49 -14.73 7.31
N SER E 50 16.28 -14.31 7.68
CA SER E 50 15.66 -14.76 8.92
C SER E 50 14.90 -16.07 8.76
N LEU E 51 15.49 -17.05 8.05
CA LEU E 51 14.84 -18.35 7.87
C LEU E 51 15.74 -19.55 8.22
N GLU E 52 16.90 -19.33 8.83
CA GLU E 52 17.64 -20.42 9.48
C GLU E 52 17.74 -20.13 10.99
N SER F 2 -6.76 -5.93 29.82
CA SER F 2 -7.39 -4.78 29.16
C SER F 2 -6.38 -3.68 28.79
N ARG F 3 -6.37 -2.58 29.56
CA ARG F 3 -5.81 -1.32 29.11
C ARG F 3 -4.60 -0.89 29.93
N LEU F 4 -3.70 -0.17 29.26
CA LEU F 4 -2.60 0.49 29.93
C LEU F 4 -3.08 1.76 30.60
N ALA F 5 -3.94 2.51 29.93
CA ALA F 5 -4.47 3.74 30.50
C ALA F 5 -5.31 3.45 31.74
N GLU F 6 -6.06 2.35 31.72
CA GLU F 6 -6.76 1.91 32.92
C GLU F 6 -5.76 1.64 34.05
N PHE F 7 -4.76 0.81 33.77
CA PHE F 7 -3.78 0.45 34.81
C PHE F 7 -3.14 1.68 35.43
N ARG F 8 -2.60 2.58 34.61
CA ARG F 8 -1.91 3.74 35.15
C ARG F 8 -2.83 4.60 36.01
N ALA F 9 -4.11 4.67 35.64
CA ALA F 9 -5.06 5.40 36.48
C ALA F 9 -5.27 4.70 37.81
N ALA F 10 -5.36 3.36 37.78
CA ALA F 10 -5.48 2.60 39.02
C ALA F 10 -4.27 2.80 39.91
N GLU F 11 -3.07 2.77 39.33
CA GLU F 11 -1.87 3.07 40.10
C GLU F 11 -1.96 4.45 40.73
N LYS F 12 -2.46 5.43 39.99
CA LYS F 12 -2.60 6.76 40.56
C LYS F 12 -3.65 6.80 41.66
N ALA F 13 -4.72 6.00 41.52
CA ALA F 13 -5.72 5.93 42.57
C ALA F 13 -5.15 5.29 43.83
N LEU F 14 -4.32 4.26 43.66
CA LEU F 14 -3.60 3.70 44.79
C LEU F 14 -2.77 4.77 45.49
N GLN F 15 -1.86 5.41 44.76
CA GLN F 15 -0.98 6.46 45.27
C GLN F 15 -1.71 7.44 46.18
N GLU F 16 -2.89 7.90 45.75
CA GLU F 16 -3.70 8.75 46.62
C GLU F 16 -4.08 8.02 47.89
N GLN F 17 -4.66 6.83 47.75
CA GLN F 17 -5.13 6.10 48.93
C GLN F 17 -4.01 5.86 49.94
N MET F 18 -2.79 5.59 49.47
CA MET F 18 -1.71 5.44 50.45
C MET F 18 -1.40 6.78 51.11
N ALA F 19 -1.53 7.88 50.36
CA ALA F 19 -1.42 9.20 50.96
C ALA F 19 -2.57 9.45 51.94
N GLN F 20 -3.81 9.17 51.51
CA GLN F 20 -4.96 9.35 52.41
C GLN F 20 -4.84 8.44 53.64
N LEU F 21 -4.39 7.20 53.46
CA LEU F 21 -4.21 6.34 54.64
C LEU F 21 -3.22 6.96 55.62
N GLU F 22 -2.08 7.44 55.12
CA GLU F 22 -1.07 8.04 55.99
C GLU F 22 -1.61 9.29 56.67
N ALA F 23 -2.62 9.93 56.10
CA ALA F 23 -3.18 11.12 56.72
C ALA F 23 -3.93 10.77 58.00
N LEU F 24 -4.58 9.60 58.03
CA LEU F 24 -5.31 9.18 59.22
C LEU F 24 -4.37 8.84 60.36
N LYS F 25 -3.16 8.36 60.04
CA LYS F 25 -2.19 8.02 61.07
C LYS F 25 -1.87 9.21 61.97
N LYS F 26 -1.84 10.43 61.43
CA LYS F 26 -1.47 11.58 62.24
C LYS F 26 -2.44 11.83 63.37
N ASP F 27 -3.73 11.58 63.13
CA ASP F 27 -4.81 12.04 64.01
C ASP F 27 -4.57 11.68 65.48
N ALA F 28 -4.95 12.62 66.36
CA ALA F 28 -4.66 12.50 67.78
C ALA F 28 -5.64 11.55 68.48
N GLY F 29 -6.92 11.64 68.14
CA GLY F 29 -7.89 10.70 68.68
C GLY F 29 -7.62 9.26 68.31
N LEU F 30 -7.04 9.02 67.13
CA LEU F 30 -6.67 7.67 66.74
C LEU F 30 -5.51 7.15 67.58
N LYS F 31 -4.57 8.02 67.96
CA LYS F 31 -3.43 7.58 68.77
C LYS F 31 -3.84 7.27 70.21
N ARG F 32 -4.96 7.84 70.68
CA ARG F 32 -5.46 7.47 72.00
C ARG F 32 -6.08 6.07 71.97
N GLU F 33 -6.99 5.81 71.00
CA GLU F 33 -7.62 4.50 70.96
C GLU F 33 -6.58 3.41 70.79
N ILE F 34 -5.49 3.69 70.09
CA ILE F 34 -4.39 2.74 70.01
C ILE F 34 -3.77 2.57 71.38
N GLU F 35 -3.52 3.70 72.09
CA GLU F 35 -2.91 3.63 73.40
C GLU F 35 -3.79 2.83 74.35
N PHE F 36 -5.10 3.01 74.26
CA PHE F 36 -5.99 2.19 75.07
C PHE F 36 -5.81 0.71 74.75
N GLU F 37 -5.72 0.37 73.46
CA GLU F 37 -5.62 -1.03 73.12
C GLU F 37 -4.31 -1.63 73.62
N GLN F 38 -3.23 -0.83 73.63
CA GLN F 38 -1.97 -1.33 74.17
C GLN F 38 -2.10 -1.58 75.66
N LYS F 39 -2.65 -0.60 76.40
CA LYS F 39 -2.86 -0.75 77.83
C LYS F 39 -3.81 -1.90 78.12
N LEU F 40 -4.70 -2.21 77.19
CA LEU F 40 -5.54 -3.37 77.34
C LEU F 40 -4.69 -4.63 77.26
N VAL F 41 -3.99 -4.79 76.14
CA VAL F 41 -3.08 -5.92 75.94
C VAL F 41 -2.10 -6.08 77.10
N GLY F 42 -1.60 -4.95 77.64
CA GLY F 42 -0.65 -5.05 78.73
C GLY F 42 -1.29 -5.60 79.98
N LEU F 43 -2.58 -5.33 80.16
CA LEU F 43 -3.27 -5.81 81.33
C LEU F 43 -3.43 -7.32 81.27
N MET F 44 -3.93 -7.84 80.13
CA MET F 44 -4.06 -9.28 79.91
C MET F 44 -2.77 -10.01 80.15
N LYS F 45 -1.65 -9.50 79.62
CA LYS F 45 -0.37 -10.13 79.90
C LYS F 45 -0.09 -10.16 81.41
N SER F 46 -0.23 -9.00 82.09
CA SER F 46 0.01 -8.94 83.54
C SER F 46 -0.93 -9.84 84.33
N TYR F 47 -2.17 -10.00 83.89
CA TYR F 47 -3.05 -10.96 84.54
C TYR F 47 -2.51 -12.38 84.41
N ASP F 48 -2.10 -12.76 83.19
CA ASP F 48 -1.52 -14.09 82.97
C ASP F 48 -0.27 -14.29 83.83
N LYS F 49 0.59 -13.28 83.92
CA LYS F 49 1.80 -13.41 84.71
C LYS F 49 1.48 -13.69 86.19
N SER F 50 0.40 -13.12 86.71
CA SER F 50 -0.02 -13.44 88.07
C SER F 50 -0.61 -14.82 88.20
N LEU F 51 -0.90 -15.50 87.08
CA LEU F 51 -1.36 -16.89 87.18
C LEU F 51 -0.17 -17.85 87.13
N GLU F 52 0.84 -17.55 87.96
CA GLU F 52 2.06 -18.36 88.09
C GLU F 52 2.72 -18.59 86.73
N SER G 2 -5.49 15.06 1.33
CA SER G 2 -5.55 13.61 1.07
C SER G 2 -4.72 12.80 2.09
N ARG G 3 -3.55 13.33 2.49
CA ARG G 3 -2.57 12.57 3.26
C ARG G 3 -3.16 12.07 4.59
N LEU G 4 -2.79 10.85 4.96
CA LEU G 4 -3.06 10.34 6.29
C LEU G 4 -2.27 11.11 7.33
N ALA G 5 -1.08 11.60 6.95
CA ALA G 5 -0.25 12.36 7.87
C ALA G 5 -0.95 13.62 8.34
N GLU G 6 -1.76 14.23 7.48
CA GLU G 6 -2.42 15.46 7.88
C GLU G 6 -3.67 15.17 8.69
N PHE G 7 -4.26 13.98 8.54
CA PHE G 7 -5.34 13.57 9.44
C PHE G 7 -4.81 13.39 10.85
N ARG G 8 -3.73 12.62 11.02
CA ARG G 8 -3.21 12.35 12.34
C ARG G 8 -2.60 13.58 12.98
N ALA G 9 -2.24 14.58 12.17
CA ALA G 9 -1.85 15.87 12.73
C ALA G 9 -3.08 16.61 13.25
N ALA G 10 -4.20 16.48 12.56
CA ALA G 10 -5.45 17.06 13.04
C ALA G 10 -5.94 16.32 14.28
N GLU G 11 -5.78 15.00 14.31
CA GLU G 11 -6.21 14.24 15.47
C GLU G 11 -5.44 14.65 16.71
N LYS G 12 -4.15 14.91 16.56
CA LYS G 12 -3.36 15.36 17.70
C LYS G 12 -3.74 16.78 18.06
N ALA G 13 -3.93 17.63 17.05
CA ALA G 13 -4.37 19.00 17.31
C ALA G 13 -5.69 19.01 18.06
N LEU G 14 -6.60 18.09 17.71
CA LEU G 14 -7.87 18.04 18.43
C LEU G 14 -7.67 17.58 19.87
N GLN G 15 -6.75 16.65 20.12
CA GLN G 15 -6.73 16.11 21.47
C GLN G 15 -5.94 16.97 22.46
N GLU G 16 -5.22 17.99 21.97
CA GLU G 16 -4.63 18.97 22.88
C GLU G 16 -5.57 20.15 23.08
N GLN G 17 -6.29 20.55 22.02
CA GLN G 17 -7.43 21.45 22.20
C GLN G 17 -8.39 20.91 23.23
N MET G 18 -8.82 19.67 23.06
CA MET G 18 -9.75 19.10 24.03
C MET G 18 -9.11 19.00 25.42
N ALA G 19 -7.78 18.83 25.47
CA ALA G 19 -7.08 18.80 26.74
C ALA G 19 -7.03 20.18 27.41
N GLN G 20 -6.90 21.27 26.64
CA GLN G 20 -6.88 22.57 27.30
C GLN G 20 -8.28 23.04 27.66
N LEU G 21 -9.31 22.53 26.99
CA LEU G 21 -10.67 22.72 27.50
C LEU G 21 -10.88 21.99 28.81
N GLU G 22 -10.18 20.88 29.04
CA GLU G 22 -10.24 20.23 30.34
C GLU G 22 -9.42 20.99 31.37
N ALA G 23 -8.48 21.83 30.92
CA ALA G 23 -7.78 22.73 31.82
C ALA G 23 -8.61 23.95 32.14
N LEU G 24 -9.16 24.61 31.12
CA LEU G 24 -10.05 25.74 31.35
C LEU G 24 -11.17 25.37 32.31
N LYS G 25 -11.69 24.15 32.18
CA LYS G 25 -12.80 23.66 32.99
C LYS G 25 -12.45 23.59 34.49
N LYS G 26 -11.18 23.71 34.86
CA LYS G 26 -10.71 23.56 36.24
C LYS G 26 -10.46 24.90 36.95
N ASP G 27 -10.69 26.03 36.29
CA ASP G 27 -10.32 27.33 36.84
C ASP G 27 -11.32 27.79 37.90
N ALA G 28 -10.81 28.18 39.07
CA ALA G 28 -11.69 28.66 40.13
C ALA G 28 -12.47 29.90 39.69
N GLY G 29 -11.82 30.81 38.97
CA GLY G 29 -12.50 32.02 38.53
C GLY G 29 -13.62 31.74 37.53
N LEU G 30 -13.40 30.79 36.64
CA LEU G 30 -14.50 30.42 35.75
C LEU G 30 -15.65 29.80 36.53
N LYS G 31 -15.36 28.97 37.53
CA LYS G 31 -16.44 28.31 38.26
C LYS G 31 -17.29 29.33 39.03
N ARG G 32 -16.64 30.31 39.68
CA ARG G 32 -17.41 31.36 40.35
C ARG G 32 -18.28 32.13 39.37
N GLU G 33 -17.79 32.29 38.13
CA GLU G 33 -18.52 33.12 37.18
C GLU G 33 -19.74 32.39 36.61
N ILE G 34 -19.61 31.08 36.38
CA ILE G 34 -20.78 30.28 35.99
C ILE G 34 -21.84 30.32 37.06
N GLU G 35 -21.45 30.16 38.33
CA GLU G 35 -22.43 30.23 39.42
C GLU G 35 -23.15 31.57 39.43
N PHE G 36 -22.39 32.65 39.34
CA PHE G 36 -23.00 33.98 39.37
C PHE G 36 -24.00 34.18 38.25
N GLU G 37 -23.74 33.57 37.08
CA GLU G 37 -24.68 33.62 35.96
C GLU G 37 -25.92 32.82 36.25
N GLN G 38 -25.76 31.68 36.89
CA GLN G 38 -26.93 30.91 37.27
C GLN G 38 -27.73 31.66 38.31
N LYS G 39 -27.05 32.38 39.20
CA LYS G 39 -27.75 33.28 40.11
C LYS G 39 -28.52 34.34 39.33
N LEU G 40 -27.82 35.07 38.47
CA LEU G 40 -28.47 36.13 37.72
C LEU G 40 -29.64 35.61 36.88
N VAL G 41 -29.49 34.41 36.29
CA VAL G 41 -30.56 33.87 35.46
C VAL G 41 -31.78 33.57 36.31
N GLY G 42 -31.59 32.84 37.42
CA GLY G 42 -32.71 32.56 38.31
C GLY G 42 -33.33 33.79 38.95
N LEU G 43 -32.52 34.83 39.21
CA LEU G 43 -33.06 36.03 39.85
C LEU G 43 -33.96 36.80 38.88
N MET G 44 -33.55 36.93 37.60
CA MET G 44 -34.45 37.50 36.59
C MET G 44 -35.57 36.55 36.25
N LYS G 45 -35.43 35.27 36.58
CA LYS G 45 -36.58 34.37 36.48
C LYS G 45 -37.65 34.73 37.50
N SER G 46 -37.25 35.04 38.73
CA SER G 46 -38.21 35.40 39.75
C SER G 46 -38.68 36.85 39.65
N TYR G 47 -37.89 37.74 39.03
CA TYR G 47 -38.31 39.13 38.83
C TYR G 47 -39.57 39.20 37.97
N ASP G 48 -39.81 38.18 37.14
CA ASP G 48 -41.01 38.14 36.31
C ASP G 48 -42.26 38.32 37.17
N LYS G 49 -42.44 37.42 38.13
CA LYS G 49 -43.61 37.44 39.01
C LYS G 49 -43.64 38.72 39.83
N SER G 50 -44.85 39.16 40.19
CA SER G 50 -45.03 40.32 41.07
C SER G 50 -45.81 39.97 42.35
N SER H 2 -14.09 -30.10 -52.12
CA SER H 2 -12.96 -29.78 -52.97
C SER H 2 -11.84 -29.19 -52.15
N ARG H 3 -10.59 -29.49 -52.51
CA ARG H 3 -9.48 -29.01 -51.69
C ARG H 3 -9.40 -27.50 -51.64
N LEU H 4 -9.95 -26.80 -52.63
CA LEU H 4 -9.97 -25.35 -52.57
C LEU H 4 -11.04 -24.85 -51.61
N ALA H 5 -12.18 -25.56 -51.51
CA ALA H 5 -13.22 -25.15 -50.57
C ALA H 5 -12.77 -25.37 -49.14
N GLU H 6 -11.93 -26.37 -48.91
CA GLU H 6 -11.36 -26.60 -47.58
C GLU H 6 -10.31 -25.54 -47.25
N PHE H 7 -9.45 -25.20 -48.21
CA PHE H 7 -8.45 -24.17 -47.94
C PHE H 7 -9.08 -22.82 -47.63
N ARG H 8 -10.23 -22.51 -48.22
CA ARG H 8 -10.86 -21.23 -47.95
C ARG H 8 -11.67 -21.27 -46.67
N ALA H 9 -12.06 -22.47 -46.23
CA ALA H 9 -12.62 -22.63 -44.89
C ALA H 9 -11.52 -22.46 -43.83
N ALA H 10 -10.38 -23.12 -44.04
CA ALA H 10 -9.26 -22.96 -43.15
C ALA H 10 -8.77 -21.52 -43.12
N GLU H 11 -8.77 -20.85 -44.27
CA GLU H 11 -8.32 -19.46 -44.31
C GLU H 11 -9.24 -18.57 -43.48
N LYS H 12 -10.54 -18.74 -43.63
CA LYS H 12 -11.47 -17.92 -42.85
C LYS H 12 -11.45 -18.28 -41.38
N ALA H 13 -11.28 -19.58 -41.07
CA ALA H 13 -11.11 -19.97 -39.68
C ALA H 13 -9.90 -19.27 -39.07
N LEU H 14 -8.83 -19.11 -39.85
CA LEU H 14 -7.66 -18.41 -39.34
C LEU H 14 -7.93 -16.93 -39.12
N GLN H 15 -8.57 -16.27 -40.11
CA GLN H 15 -8.89 -14.85 -39.93
C GLN H 15 -9.74 -14.64 -38.68
N GLU H 16 -10.61 -15.59 -38.38
CA GLU H 16 -11.45 -15.49 -37.19
C GLU H 16 -10.61 -15.67 -35.94
N GLN H 17 -9.63 -16.58 -36.00
CA GLN H 17 -8.75 -16.82 -34.88
C GLN H 17 -7.95 -15.55 -34.53
N MET H 18 -7.33 -14.91 -35.54
CA MET H 18 -6.54 -13.70 -35.27
C MET H 18 -7.42 -12.54 -34.81
N ALA H 19 -8.68 -12.50 -35.24
CA ALA H 19 -9.58 -11.47 -34.77
C ALA H 19 -9.90 -11.67 -33.29
N GLN H 20 -10.19 -12.91 -32.90
CA GLN H 20 -10.45 -13.19 -31.50
C GLN H 20 -9.24 -12.93 -30.63
N LEU H 21 -8.03 -13.16 -31.16
CA LEU H 21 -6.82 -12.81 -30.43
C LEU H 21 -6.75 -11.30 -30.20
N GLU H 22 -6.95 -10.52 -31.27
CA GLU H 22 -6.87 -9.08 -31.13
C GLU H 22 -7.96 -8.54 -30.21
N ALA H 23 -9.05 -9.28 -30.04
CA ALA H 23 -10.06 -8.89 -29.05
C ALA H 23 -9.52 -9.06 -27.63
N LEU H 24 -8.79 -10.14 -27.34
CA LEU H 24 -8.20 -10.31 -26.02
C LEU H 24 -7.15 -9.24 -25.74
N LYS H 25 -6.38 -8.87 -26.77
CA LYS H 25 -5.33 -7.87 -26.64
C LYS H 25 -5.85 -6.55 -26.07
N LYS H 26 -7.14 -6.27 -26.27
CA LYS H 26 -7.73 -5.00 -25.83
C LYS H 26 -8.27 -5.06 -24.41
N ASP H 27 -8.32 -6.25 -23.82
CA ASP H 27 -8.92 -6.45 -22.49
C ASP H 27 -8.09 -5.75 -21.39
N ALA H 28 -8.81 -5.17 -20.43
CA ALA H 28 -8.15 -4.40 -19.36
C ALA H 28 -7.47 -5.30 -18.34
N GLY H 29 -8.15 -6.39 -17.95
CA GLY H 29 -7.54 -7.33 -17.01
C GLY H 29 -6.37 -8.11 -17.57
N LEU H 30 -6.12 -8.01 -18.89
CA LEU H 30 -4.88 -8.57 -19.41
C LEU H 30 -3.75 -7.56 -19.37
N LYS H 31 -4.02 -6.33 -19.81
CA LYS H 31 -3.03 -5.27 -19.73
C LYS H 31 -2.45 -5.15 -18.32
N ARG H 32 -3.31 -5.23 -17.30
CA ARG H 32 -2.83 -5.15 -15.92
C ARG H 32 -1.91 -6.31 -15.60
N GLU H 33 -2.34 -7.53 -15.93
CA GLU H 33 -1.53 -8.71 -15.66
C GLU H 33 -0.19 -8.65 -16.39
N ILE H 34 -0.16 -8.03 -17.56
CA ILE H 34 1.10 -7.87 -18.28
C ILE H 34 1.97 -6.83 -17.59
N GLU H 35 1.36 -5.72 -17.16
CA GLU H 35 2.10 -4.68 -16.44
C GLU H 35 2.73 -5.24 -15.18
N PHE H 36 1.99 -6.06 -14.43
CA PHE H 36 2.54 -6.63 -13.20
C PHE H 36 3.72 -7.56 -13.48
N GLU H 37 3.63 -8.36 -14.55
CA GLU H 37 4.73 -9.26 -14.88
C GLU H 37 6.01 -8.49 -15.17
N GLN H 38 5.91 -7.40 -15.91
CA GLN H 38 7.10 -6.61 -16.17
C GLN H 38 7.67 -6.02 -14.89
N LYS H 39 6.81 -5.64 -13.93
CA LYS H 39 7.29 -5.23 -12.61
C LYS H 39 8.00 -6.38 -11.90
N LEU H 40 7.38 -7.56 -11.88
CA LEU H 40 7.98 -8.72 -11.22
C LEU H 40 9.28 -9.15 -11.89
N VAL H 41 9.38 -8.98 -13.21
CA VAL H 41 10.61 -9.35 -13.89
C VAL H 41 11.74 -8.40 -13.51
N GLY H 42 11.47 -7.09 -13.60
CA GLY H 42 12.47 -6.08 -13.29
C GLY H 42 12.86 -6.03 -11.84
N LEU H 43 12.05 -6.61 -10.96
CA LEU H 43 12.33 -6.65 -9.53
C LEU H 43 13.24 -7.83 -9.20
N MET H 44 12.93 -9.02 -9.71
CA MET H 44 13.90 -10.10 -9.71
C MET H 44 15.20 -9.66 -10.39
N LYS H 45 15.11 -8.87 -11.46
CA LYS H 45 16.30 -8.36 -12.12
C LYS H 45 17.18 -7.58 -11.15
N SER H 46 16.57 -6.72 -10.33
CA SER H 46 17.32 -5.90 -9.38
C SER H 46 17.62 -6.59 -8.06
N TYR H 47 16.83 -7.62 -7.68
CA TYR H 47 17.18 -8.47 -6.55
C TYR H 47 18.63 -8.94 -6.60
N ASP H 48 19.15 -9.14 -7.83
CA ASP H 48 20.47 -9.75 -8.02
C ASP H 48 21.59 -8.98 -7.33
N LYS H 49 21.46 -7.64 -7.27
CA LYS H 49 22.56 -6.78 -6.85
C LYS H 49 23.09 -7.19 -5.48
N SER H 50 24.18 -7.97 -5.50
CA SER H 50 24.81 -8.52 -4.31
C SER H 50 26.33 -8.24 -4.30
#